data_5E32
#
_entry.id   5E32
#
_cell.length_a   133.046
_cell.length_b   133.046
_cell.length_c   134.693
_cell.angle_alpha   90.00
_cell.angle_beta   90.00
_cell.angle_gamma   120.00
#
_symmetry.space_group_name_H-M   'P 6'
#
loop_
_entity.id
_entity.type
_entity.pdbx_description
1 polymer Hemagglutinin
2 polymer Hemagglutinin
3 non-polymer 2-acetamido-2-deoxy-beta-D-glucopyranose
4 water water
#
loop_
_entity_poly.entity_id
_entity_poly.type
_entity_poly.pdbx_seq_one_letter_code
_entity_poly.pdbx_strand_id
1 'polypeptide(L)'
;ADPGDQICVGYHANNSTEQVDTIMEKNITVTHAQDILEKTHNGKLCNLNGVKPLILKDCSVAGWLLGNPMCDEFLNVSEW
SYIVEKASPANGLCYPGDFNDYEELKHLLSRINHFEKIKIIPKSYWSNHETSGVSSACSYLENPSFFRNVVWLTKKDNTY
PPIKVNYTNANQKDLLVLWGIHHPNNEAEQKMIYQNLNTYVSVGTSTLNQRLVPKIATRSKVKGLSGRMDFFWTILKPND
TINFDSNGNFIAPEYAYKIVKKGDSAIMKSELEYGNCNTKCQTPIGAINSSMPFHNIHPLTIGECPKYVKSNRLVLATGL
RNAPQIEGRRRKR
;
A
2 'polypeptide(L)'
;GLFGAIAGFIEGGWQGMVDGWYGYHHSNEQGSGYAADKESTQKAIDGITNKINSIIDKMNTQFEAVGREFNNLERRIENL
NKKMEDGFLDVWTYNAELLVLMENERTLDFHDSNVKNLYEKVRLQLRDNAKELGNGCFEFYHKCDNECMESVKNGTYDYP
QYSEEARLNREEISGRLVPR
;
B
#
loop_
_chem_comp.id
_chem_comp.type
_chem_comp.name
_chem_comp.formula
NAG D-saccharide, beta linking 2-acetamido-2-deoxy-beta-D-glucopyranose 'C8 H15 N O6'
#
# COMPACT_ATOMS: atom_id res chain seq x y z
N ASP A 2 7.11 38.92 56.71
CA ASP A 2 6.44 37.62 56.73
C ASP A 2 5.78 37.28 55.39
N PRO A 3 5.86 36.00 54.98
CA PRO A 3 5.29 35.51 53.71
C PRO A 3 3.78 35.73 53.55
N GLY A 4 3.36 36.09 52.35
CA GLY A 4 1.95 36.30 52.05
C GLY A 4 1.42 35.45 50.91
N ASP A 5 0.53 36.05 50.13
CA ASP A 5 -0.16 35.33 49.07
C ASP A 5 0.76 34.97 47.89
N GLN A 6 0.35 33.96 47.12
CA GLN A 6 1.15 33.50 45.97
C GLN A 6 0.30 33.13 44.76
N ILE A 7 0.87 33.35 43.57
CA ILE A 7 0.37 32.73 42.33
C ILE A 7 1.57 32.11 41.57
N CYS A 8 1.40 30.85 41.18
CA CYS A 8 2.43 30.10 40.43
C CYS A 8 2.08 30.02 38.94
N VAL A 9 3.10 29.95 38.09
CA VAL A 9 2.91 29.57 36.68
C VAL A 9 3.62 28.26 36.40
N GLY A 10 2.87 27.25 35.97
CA GLY A 10 3.46 25.95 35.73
C GLY A 10 2.81 25.19 34.61
N TYR A 11 3.20 23.92 34.46
CA TYR A 11 2.82 23.16 33.29
C TYR A 11 2.54 21.69 33.60
N HIS A 12 1.70 21.08 32.77
CA HIS A 12 1.20 19.72 33.00
C HIS A 12 2.28 18.64 33.05
N ALA A 13 2.01 17.59 33.80
CA ALA A 13 2.89 16.43 33.86
C ALA A 13 2.03 15.21 34.17
N ASN A 14 2.53 14.02 33.82
CA ASN A 14 1.83 12.78 34.14
C ASN A 14 2.77 11.61 34.33
N ASN A 15 2.22 10.40 34.31
CA ASN A 15 3.03 9.19 34.42
C ASN A 15 3.10 8.45 33.08
N SER A 16 3.62 9.14 32.06
CA SER A 16 3.72 8.58 30.71
C SER A 16 5.16 8.15 30.39
N THR A 17 5.30 6.94 29.89
CA THR A 17 6.60 6.41 29.46
C THR A 17 6.83 6.65 27.96
N GLU A 18 5.84 7.26 27.32
CA GLU A 18 5.85 7.51 25.88
C GLU A 18 7.06 8.35 25.46
N GLN A 19 7.74 7.92 24.40
CA GLN A 19 8.90 8.63 23.92
C GLN A 19 8.78 9.00 22.45
N VAL A 20 9.41 10.12 22.10
CA VAL A 20 9.47 10.58 20.73
C VAL A 20 10.89 11.02 20.43
N ASP A 21 11.19 11.20 19.15
CA ASP A 21 12.54 11.55 18.72
C ASP A 21 12.62 12.95 18.08
N THR A 22 13.84 13.48 18.05
CA THR A 22 14.14 14.83 17.61
C THR A 22 15.51 14.76 16.93
N ILE A 23 15.85 15.75 16.12
CA ILE A 23 17.13 15.78 15.43
C ILE A 23 18.34 15.93 16.37
N MET A 24 18.14 16.60 17.49
CA MET A 24 19.23 16.91 18.42
C MET A 24 19.26 15.99 19.64
N GLU A 25 18.16 15.27 19.89
CA GLU A 25 18.10 14.37 21.04
C GLU A 25 17.10 13.23 20.84
N LYS A 26 17.53 11.99 21.12
CA LYS A 26 16.67 10.83 20.94
C LYS A 26 15.98 10.43 22.25
N ASN A 27 14.90 9.66 22.12
CA ASN A 27 14.26 8.99 23.27
C ASN A 27 13.77 9.93 24.37
N ILE A 28 13.33 11.12 23.94
CA ILE A 28 12.80 12.12 24.85
C ILE A 28 11.43 11.72 25.38
N THR A 29 11.35 11.53 26.69
CA THR A 29 10.10 11.14 27.36
C THR A 29 9.06 12.27 27.34
N VAL A 30 7.81 11.92 27.10
CA VAL A 30 6.82 12.93 26.77
C VAL A 30 5.49 12.62 27.46
N THR A 31 4.62 13.62 27.61
CA THR A 31 3.34 13.37 28.29
C THR A 31 2.34 12.71 27.36
N HIS A 32 2.21 13.27 26.15
CA HIS A 32 1.31 12.73 25.13
C HIS A 32 2.00 12.61 23.76
N ALA A 33 1.75 11.51 23.07
CA ALA A 33 2.34 11.26 21.74
C ALA A 33 1.37 10.49 20.88
N GLN A 34 1.43 10.69 19.57
CA GLN A 34 0.58 9.91 18.68
C GLN A 34 1.40 9.07 17.72
N ASP A 35 1.21 7.76 17.78
CA ASP A 35 1.83 6.86 16.83
C ASP A 35 1.09 6.98 15.51
N ILE A 36 1.84 7.04 14.40
CA ILE A 36 1.22 7.15 13.08
C ILE A 36 1.67 6.08 12.09
N LEU A 37 2.42 5.09 12.58
CA LEU A 37 2.92 4.01 11.74
C LEU A 37 2.21 2.69 12.08
N GLU A 38 1.51 2.13 11.10
CA GLU A 38 0.85 0.85 11.30
C GLU A 38 1.81 -0.30 11.04
N LYS A 39 1.89 -1.25 11.98
CA LYS A 39 2.92 -2.28 11.95
C LYS A 39 2.39 -3.71 12.03
N THR A 40 1.08 -3.90 11.88
CA THR A 40 0.48 -5.24 11.98
C THR A 40 -0.48 -5.59 10.82
N HIS A 41 -0.46 -6.87 10.43
CA HIS A 41 -1.37 -7.37 9.39
C HIS A 41 -1.90 -8.74 9.79
N ASN A 42 -3.05 -9.13 9.24
CA ASN A 42 -3.63 -10.41 9.63
C ASN A 42 -3.01 -11.64 9.01
N GLY A 43 -1.87 -11.49 8.33
CA GLY A 43 -1.19 -12.61 7.69
C GLY A 43 -2.04 -13.47 6.76
N LYS A 44 -3.17 -12.92 6.31
CA LYS A 44 -4.12 -13.66 5.49
C LYS A 44 -4.40 -12.98 4.13
N LEU A 45 -4.83 -13.78 3.15
CA LEU A 45 -5.28 -13.27 1.85
C LEU A 45 -6.80 -13.24 1.84
N CYS A 46 -7.38 -12.05 1.99
CA CYS A 46 -8.83 -11.91 2.20
C CYS A 46 -9.54 -11.48 0.92
N ASN A 47 -10.87 -11.48 0.95
CA ASN A 47 -11.60 -10.82 -0.11
C ASN A 47 -11.25 -9.32 -0.07
N LEU A 48 -11.52 -8.64 -1.17
CA LEU A 48 -11.27 -7.21 -1.25
C LEU A 48 -12.60 -6.54 -1.39
N ASN A 49 -13.06 -5.92 -0.29
CA ASN A 49 -14.45 -5.46 -0.22
C ASN A 49 -15.38 -6.64 -0.47
N GLY A 50 -16.25 -6.52 -1.43
CA GLY A 50 -17.12 -7.65 -1.67
C GLY A 50 -16.43 -8.93 -2.19
N VAL A 51 -15.35 -8.75 -2.94
CA VAL A 51 -14.99 -9.68 -4.00
C VAL A 51 -13.84 -10.64 -3.74
N LYS A 52 -14.05 -11.91 -4.04
CA LYS A 52 -13.07 -12.96 -3.78
C LYS A 52 -11.88 -12.86 -4.75
N PRO A 53 -10.67 -13.08 -4.24
CA PRO A 53 -9.60 -13.06 -5.22
C PRO A 53 -9.60 -14.35 -6.04
N LEU A 54 -8.91 -14.34 -7.18
CA LEU A 54 -8.54 -15.56 -7.89
C LEU A 54 -7.19 -16.07 -7.39
N ILE A 55 -7.20 -17.19 -6.67
CA ILE A 55 -6.00 -17.78 -6.08
C ILE A 55 -5.55 -19.03 -6.85
N LEU A 56 -4.52 -18.87 -7.66
CA LEU A 56 -4.16 -19.84 -8.70
C LEU A 56 -3.51 -21.14 -8.19
N LYS A 57 -3.28 -21.22 -6.88
CA LYS A 57 -2.71 -22.42 -6.26
C LYS A 57 -1.37 -22.86 -6.85
N ASP A 58 -1.38 -23.92 -7.65
CA ASP A 58 -0.12 -24.39 -8.24
C ASP A 58 -0.06 -24.14 -9.75
N CYS A 59 -1.04 -23.41 -10.25
CA CYS A 59 -1.14 -23.05 -11.65
C CYS A 59 -0.53 -21.66 -11.94
N SER A 60 -0.04 -21.47 -13.15
CA SER A 60 0.40 -20.15 -13.60
C SER A 60 -0.71 -19.52 -14.44
N VAL A 61 -0.59 -18.22 -14.73
CA VAL A 61 -1.57 -17.58 -15.60
C VAL A 61 -1.72 -18.33 -16.93
N ALA A 62 -0.59 -18.76 -17.49
CA ALA A 62 -0.63 -19.45 -18.78
C ALA A 62 -1.36 -20.79 -18.65
N GLY A 63 -1.05 -21.52 -17.58
CA GLY A 63 -1.66 -22.82 -17.35
C GLY A 63 -3.16 -22.66 -17.24
N TRP A 64 -3.57 -21.63 -16.52
CA TRP A 64 -4.98 -21.31 -16.40
C TRP A 64 -5.54 -20.98 -17.80
N LEU A 65 -5.05 -19.93 -18.45
CA LEU A 65 -5.68 -19.51 -19.71
C LEU A 65 -5.73 -20.58 -20.78
N LEU A 66 -4.65 -21.35 -20.93
CA LEU A 66 -4.62 -22.39 -21.96
C LEU A 66 -5.32 -23.71 -21.57
N GLY A 67 -5.48 -23.96 -20.26
CA GLY A 67 -6.25 -25.10 -19.82
C GLY A 67 -5.41 -26.33 -19.64
N ASN A 68 -4.32 -26.16 -18.90
CA ASN A 68 -3.49 -27.29 -18.49
C ASN A 68 -4.37 -28.20 -17.65
N PRO A 69 -4.39 -29.51 -17.98
CA PRO A 69 -5.23 -30.50 -17.28
C PRO A 69 -5.03 -30.50 -15.76
N MET A 70 -3.88 -30.05 -15.28
CA MET A 70 -3.65 -29.93 -13.85
C MET A 70 -4.34 -28.70 -13.27
N CYS A 71 -5.25 -28.10 -14.01
CA CYS A 71 -5.87 -26.84 -13.58
C CYS A 71 -7.38 -26.79 -13.80
N ASP A 72 -8.02 -27.93 -13.97
CA ASP A 72 -9.45 -27.93 -14.34
C ASP A 72 -10.30 -27.15 -13.35
N GLU A 73 -9.79 -27.03 -12.13
CA GLU A 73 -10.42 -26.21 -11.12
C GLU A 73 -10.72 -24.80 -11.62
N PHE A 74 -9.85 -24.26 -12.48
CA PHE A 74 -10.01 -22.88 -12.93
C PHE A 74 -10.65 -22.74 -14.30
N LEU A 75 -11.17 -23.83 -14.83
CA LEU A 75 -11.79 -23.84 -16.16
C LEU A 75 -12.87 -22.79 -16.32
N ASN A 76 -13.42 -22.34 -15.20
CA ASN A 76 -14.62 -21.51 -15.25
C ASN A 76 -14.68 -20.28 -14.38
N VAL A 77 -13.53 -19.77 -13.95
CA VAL A 77 -13.51 -18.54 -13.17
C VAL A 77 -14.15 -17.41 -13.98
N SER A 78 -14.76 -16.46 -13.28
CA SER A 78 -15.41 -15.35 -13.98
C SER A 78 -15.06 -13.96 -13.40
N GLU A 79 -15.17 -13.79 -12.08
CA GLU A 79 -14.98 -12.49 -11.47
C GLU A 79 -14.07 -12.57 -10.25
N TRP A 80 -13.10 -11.67 -10.20
CA TRP A 80 -12.11 -11.69 -9.14
C TRP A 80 -11.75 -10.25 -8.76
N SER A 81 -11.23 -10.06 -7.56
CA SER A 81 -10.81 -8.74 -7.17
C SER A 81 -9.34 -8.57 -7.54
N TYR A 82 -8.52 -9.54 -7.21
CA TYR A 82 -7.14 -9.53 -7.65
C TYR A 82 -6.67 -10.98 -7.92
N ILE A 83 -5.43 -11.15 -8.39
CA ILE A 83 -4.95 -12.49 -8.70
C ILE A 83 -3.74 -12.79 -7.83
N VAL A 84 -3.69 -13.99 -7.27
CA VAL A 84 -2.52 -14.46 -6.53
C VAL A 84 -1.89 -15.63 -7.28
N GLU A 85 -0.58 -15.58 -7.47
CA GLU A 85 0.14 -16.62 -8.17
C GLU A 85 1.38 -16.92 -7.38
N LYS A 86 1.86 -18.16 -7.40
CA LYS A 86 3.09 -18.46 -6.66
C LYS A 86 4.37 -17.94 -7.32
N ALA A 87 5.44 -17.89 -6.55
CA ALA A 87 6.74 -17.45 -7.04
C ALA A 87 7.14 -18.33 -8.21
N SER A 88 6.96 -19.63 -8.03
CA SER A 88 7.37 -20.63 -8.98
C SER A 88 6.35 -21.72 -9.09
N PRO A 89 5.22 -21.43 -9.74
CA PRO A 89 4.14 -22.39 -9.89
C PRO A 89 4.59 -23.56 -10.74
N ALA A 90 4.11 -24.76 -10.44
CA ALA A 90 4.60 -25.97 -11.08
C ALA A 90 3.81 -26.36 -12.34
N ASN A 91 2.56 -25.92 -12.43
CA ASN A 91 1.71 -26.25 -13.54
C ASN A 91 1.46 -25.06 -14.46
N GLY A 92 2.21 -25.00 -15.57
CA GLY A 92 2.13 -23.94 -16.55
C GLY A 92 1.96 -24.49 -17.94
N LEU A 93 2.99 -24.37 -18.77
CA LEU A 93 2.95 -24.98 -20.09
C LEU A 93 3.32 -26.46 -19.93
N CYS A 94 2.34 -27.34 -19.91
CA CYS A 94 2.60 -28.75 -19.66
C CYS A 94 3.45 -29.34 -20.79
N TYR A 95 3.09 -28.98 -22.03
CA TYR A 95 3.94 -29.22 -23.19
C TYR A 95 4.96 -28.09 -23.28
N PRO A 96 6.25 -28.43 -23.37
CA PRO A 96 7.30 -27.40 -23.26
C PRO A 96 7.37 -26.44 -24.46
N GLY A 97 7.82 -25.21 -24.20
CA GLY A 97 7.86 -24.19 -25.23
C GLY A 97 7.76 -22.79 -24.65
N ASP A 98 7.39 -21.81 -25.46
CA ASP A 98 7.32 -20.44 -24.97
C ASP A 98 5.96 -19.78 -25.21
N PHE A 99 5.62 -18.84 -24.34
CA PHE A 99 4.40 -18.04 -24.47
C PHE A 99 4.85 -16.64 -24.88
N ASN A 100 4.51 -16.28 -26.10
CA ASN A 100 5.01 -15.03 -26.69
C ASN A 100 4.34 -13.78 -26.09
N ASP A 101 5.18 -12.86 -25.62
CA ASP A 101 4.73 -11.59 -25.05
C ASP A 101 3.95 -11.82 -23.78
N TYR A 102 4.37 -12.84 -23.04
CA TYR A 102 3.71 -13.27 -21.82
C TYR A 102 3.53 -12.18 -20.76
N GLU A 103 4.60 -11.43 -20.51
CA GLU A 103 4.51 -10.38 -19.51
C GLU A 103 3.56 -9.26 -19.97
N GLU A 104 3.58 -8.90 -21.25
CA GLU A 104 2.60 -7.91 -21.74
C GLU A 104 1.16 -8.39 -21.51
N LEU A 105 0.92 -9.68 -21.71
CA LEU A 105 -0.39 -10.27 -21.45
C LEU A 105 -0.74 -10.22 -19.98
N LYS A 106 0.23 -10.55 -19.11
CA LYS A 106 -0.03 -10.52 -17.68
C LYS A 106 -0.36 -9.10 -17.25
N HIS A 107 0.25 -8.12 -17.90
CA HIS A 107 0.06 -6.74 -17.52
C HIS A 107 -1.35 -6.32 -17.92
N LEU A 108 -1.74 -6.72 -19.11
CA LEU A 108 -3.10 -6.49 -19.59
C LEU A 108 -4.06 -7.05 -18.55
N LEU A 109 -3.73 -8.24 -18.09
CA LEU A 109 -4.59 -9.02 -17.25
C LEU A 109 -4.81 -8.35 -15.91
N SER A 110 -3.92 -7.45 -15.55
CA SER A 110 -4.03 -6.80 -14.25
C SER A 110 -4.92 -5.57 -14.33
N ARG A 111 -5.54 -5.35 -15.49
CA ARG A 111 -6.49 -4.27 -15.70
C ARG A 111 -7.89 -4.83 -15.91
N ILE A 112 -8.00 -6.15 -15.78
CA ILE A 112 -9.21 -6.87 -16.08
C ILE A 112 -9.63 -7.59 -14.80
N ASN A 113 -10.94 -7.63 -14.52
CA ASN A 113 -11.41 -8.47 -13.40
C ASN A 113 -12.61 -9.36 -13.68
N HIS A 114 -13.06 -9.39 -14.94
CA HIS A 114 -14.20 -10.22 -15.31
C HIS A 114 -14.07 -10.85 -16.72
N PHE A 115 -13.82 -12.17 -16.76
CA PHE A 115 -13.71 -12.93 -18.00
C PHE A 115 -14.97 -13.75 -18.22
N GLU A 116 -15.42 -13.85 -19.46
CA GLU A 116 -16.48 -14.80 -19.80
C GLU A 116 -15.95 -15.68 -20.92
N LYS A 117 -15.63 -16.92 -20.59
CA LYS A 117 -15.11 -17.86 -21.58
C LYS A 117 -16.23 -18.25 -22.55
N ILE A 118 -15.95 -18.22 -23.84
CA ILE A 118 -16.95 -18.62 -24.81
C ILE A 118 -16.34 -19.52 -25.89
N LYS A 119 -17.14 -20.44 -26.41
CA LYS A 119 -16.69 -21.36 -27.45
C LYS A 119 -16.68 -20.63 -28.78
N ILE A 120 -15.51 -20.59 -29.43
CA ILE A 120 -15.29 -19.78 -30.63
C ILE A 120 -15.26 -20.66 -31.86
N ILE A 121 -14.64 -21.83 -31.71
CA ILE A 121 -14.61 -22.80 -32.78
C ILE A 121 -14.77 -24.17 -32.15
N PRO A 122 -15.94 -24.79 -32.36
CA PRO A 122 -16.23 -26.11 -31.80
C PRO A 122 -15.42 -27.19 -32.52
N LYS A 123 -15.04 -28.23 -31.80
CA LYS A 123 -14.39 -29.39 -32.40
C LYS A 123 -15.21 -29.98 -33.57
N SER A 124 -16.52 -29.86 -33.51
CA SER A 124 -17.39 -30.36 -34.56
C SER A 124 -17.07 -29.76 -35.93
N TYR A 125 -16.42 -28.59 -35.93
CA TYR A 125 -16.02 -27.92 -37.16
C TYR A 125 -14.98 -28.76 -37.89
N TRP A 126 -14.08 -29.39 -37.15
CA TRP A 126 -12.95 -30.10 -37.73
C TRP A 126 -13.33 -31.48 -38.28
N SER A 127 -14.18 -31.48 -39.31
CA SER A 127 -14.67 -32.72 -39.93
C SER A 127 -13.62 -33.49 -40.74
N ASN A 128 -12.61 -32.79 -41.23
CA ASN A 128 -11.56 -33.43 -42.05
C ASN A 128 -10.17 -33.41 -41.43
N HIS A 129 -10.11 -33.29 -40.10
CA HIS A 129 -8.84 -33.34 -39.36
C HIS A 129 -9.12 -34.06 -38.04
N GLU A 130 -8.12 -34.69 -37.45
CA GLU A 130 -8.30 -35.26 -36.12
C GLU A 130 -8.08 -34.18 -35.06
N THR A 131 -8.83 -34.26 -33.95
CA THR A 131 -8.71 -33.29 -32.89
C THR A 131 -8.10 -33.88 -31.63
N SER A 132 -7.57 -35.09 -31.74
CA SER A 132 -7.18 -35.86 -30.56
C SER A 132 -5.68 -35.89 -30.30
N GLY A 133 -4.96 -34.89 -30.80
CA GLY A 133 -3.55 -34.74 -30.48
C GLY A 133 -3.39 -34.61 -28.98
N VAL A 134 -2.42 -35.33 -28.44
CA VAL A 134 -2.43 -35.59 -27.03
C VAL A 134 -1.00 -35.90 -26.64
N SER A 135 -0.66 -35.86 -25.35
CA SER A 135 0.70 -36.17 -24.92
C SER A 135 0.80 -36.52 -23.44
N SER A 136 1.84 -37.28 -23.11
CA SER A 136 2.11 -37.69 -21.75
C SER A 136 2.51 -36.53 -20.84
N ALA A 137 3.04 -35.46 -21.43
CA ALA A 137 3.50 -34.32 -20.65
C ALA A 137 2.32 -33.48 -20.17
N CYS A 138 1.21 -33.63 -20.87
CA CYS A 138 -0.02 -32.95 -20.55
C CYS A 138 -1.03 -34.01 -20.12
N SER A 139 -0.60 -34.93 -19.25
CA SER A 139 -1.45 -36.05 -18.85
C SER A 139 -2.40 -35.69 -17.71
N TYR A 140 -3.52 -36.42 -17.62
CA TYR A 140 -4.42 -36.22 -16.50
C TYR A 140 -4.25 -37.27 -15.39
N LEU A 141 -4.82 -38.46 -15.56
CA LEU A 141 -4.64 -39.47 -14.51
C LEU A 141 -3.75 -40.60 -15.04
N GLU A 142 -2.51 -40.24 -15.36
CA GLU A 142 -1.54 -41.16 -15.96
C GLU A 142 -1.98 -41.73 -17.31
N ASN A 143 -2.89 -41.03 -17.98
CA ASN A 143 -3.14 -41.28 -19.39
C ASN A 143 -3.17 -39.96 -20.18
N PRO A 144 -2.45 -39.91 -21.30
CA PRO A 144 -2.11 -38.68 -22.03
C PRO A 144 -3.29 -37.82 -22.43
N SER A 145 -3.16 -36.51 -22.21
CA SER A 145 -4.22 -35.54 -22.49
C SER A 145 -3.65 -34.31 -23.23
N PHE A 146 -4.32 -33.15 -23.11
CA PHE A 146 -3.89 -31.90 -23.74
C PHE A 146 -4.58 -30.69 -23.12
N PHE A 147 -4.09 -29.49 -23.44
CA PHE A 147 -4.73 -28.25 -23.03
C PHE A 147 -6.26 -28.27 -23.28
N ARG A 148 -7.05 -27.87 -22.30
CA ARG A 148 -8.51 -27.94 -22.44
C ARG A 148 -9.06 -26.90 -23.41
N ASN A 149 -8.25 -25.89 -23.72
CA ASN A 149 -8.75 -24.71 -24.41
C ASN A 149 -8.30 -24.51 -25.85
N VAL A 150 -7.26 -25.23 -26.24
CA VAL A 150 -6.74 -25.15 -27.59
C VAL A 150 -6.68 -26.58 -28.11
N VAL A 151 -6.73 -26.78 -29.42
CA VAL A 151 -6.81 -28.16 -29.91
C VAL A 151 -5.70 -28.55 -30.88
N TRP A 152 -5.11 -29.71 -30.64
CA TRP A 152 -3.98 -30.20 -31.45
C TRP A 152 -4.48 -30.93 -32.68
N LEU A 153 -4.55 -30.24 -33.83
CA LEU A 153 -5.02 -30.90 -35.06
C LEU A 153 -3.93 -31.80 -35.65
N THR A 154 -4.33 -33.00 -36.06
CA THR A 154 -3.43 -33.95 -36.73
C THR A 154 -4.12 -34.46 -37.99
N LYS A 155 -3.38 -35.14 -38.87
CA LYS A 155 -3.96 -35.65 -40.12
C LYS A 155 -5.12 -36.66 -39.92
N LYS A 156 -6.15 -36.51 -40.73
CA LYS A 156 -7.26 -37.47 -40.74
C LYS A 156 -7.09 -38.39 -41.94
N ASP A 157 -7.21 -39.70 -41.69
CA ASP A 157 -6.86 -40.73 -42.66
C ASP A 157 -5.38 -40.52 -42.96
N ASN A 158 -5.01 -40.20 -44.20
CA ASN A 158 -3.62 -39.79 -44.40
C ASN A 158 -3.45 -38.46 -45.11
N THR A 159 -4.42 -37.58 -44.91
CA THR A 159 -4.36 -36.27 -45.53
C THR A 159 -4.64 -35.17 -44.51
N TYR A 160 -3.98 -34.02 -44.67
CA TYR A 160 -4.22 -32.84 -43.85
C TYR A 160 -4.53 -31.69 -44.81
N PRO A 161 -5.82 -31.48 -45.11
CA PRO A 161 -6.26 -30.43 -46.03
C PRO A 161 -5.97 -29.01 -45.51
N PRO A 162 -5.76 -28.05 -46.42
CA PRO A 162 -5.49 -26.67 -45.97
C PRO A 162 -6.67 -26.12 -45.19
N ILE A 163 -6.35 -25.54 -44.02
CA ILE A 163 -7.34 -24.98 -43.12
C ILE A 163 -7.56 -23.51 -43.46
N LYS A 164 -8.82 -23.08 -43.41
CA LYS A 164 -9.16 -21.69 -43.66
C LYS A 164 -10.46 -21.35 -42.96
N VAL A 165 -10.35 -20.95 -41.68
CA VAL A 165 -11.51 -20.62 -40.86
C VAL A 165 -11.38 -19.21 -40.31
N ASN A 166 -12.50 -18.52 -40.12
CA ASN A 166 -12.49 -17.20 -39.50
C ASN A 166 -13.45 -17.09 -38.30
N TYR A 167 -13.27 -16.07 -37.47
CA TYR A 167 -14.26 -15.76 -36.42
C TYR A 167 -14.52 -14.26 -36.33
N THR A 168 -15.78 -13.85 -36.36
CA THR A 168 -16.11 -12.43 -36.27
C THR A 168 -16.56 -12.07 -34.86
N ASN A 169 -16.02 -10.99 -34.31
CA ASN A 169 -16.38 -10.59 -32.96
C ASN A 169 -17.73 -9.87 -32.85
N ALA A 170 -18.81 -10.64 -32.83
CA ALA A 170 -20.15 -10.10 -32.76
C ALA A 170 -20.57 -9.65 -31.36
N ASN A 171 -19.61 -9.38 -30.48
CA ASN A 171 -19.95 -8.87 -29.16
C ASN A 171 -19.57 -7.40 -29.07
N GLN A 172 -19.79 -6.80 -27.91
CA GLN A 172 -19.43 -5.40 -27.73
C GLN A 172 -18.27 -5.36 -26.75
N LYS A 173 -17.68 -6.52 -26.51
CA LYS A 173 -16.56 -6.61 -25.60
C LYS A 173 -15.32 -7.13 -26.34
N ASP A 174 -14.17 -6.53 -26.06
CA ASP A 174 -12.87 -7.03 -26.51
C ASP A 174 -12.75 -8.54 -26.24
N LEU A 175 -12.12 -9.25 -27.19
CA LEU A 175 -12.01 -10.70 -27.09
C LEU A 175 -10.56 -11.14 -27.08
N LEU A 176 -10.18 -11.94 -26.08
CA LEU A 176 -8.83 -12.47 -26.00
C LEU A 176 -8.78 -13.82 -26.70
N VAL A 177 -8.17 -13.93 -27.87
CA VAL A 177 -7.96 -15.26 -28.45
C VAL A 177 -6.50 -15.77 -28.41
N LEU A 178 -6.33 -17.05 -28.11
CA LEU A 178 -5.00 -17.66 -28.05
C LEU A 178 -4.87 -18.79 -29.09
N TRP A 179 -3.66 -19.00 -29.60
CA TRP A 179 -3.39 -20.12 -30.52
C TRP A 179 -1.92 -20.45 -30.44
N GLY A 180 -1.48 -21.45 -31.20
CA GLY A 180 -0.12 -21.91 -31.05
C GLY A 180 0.37 -22.64 -32.28
N ILE A 181 1.64 -23.01 -32.28
CA ILE A 181 2.22 -23.83 -33.34
C ILE A 181 3.18 -24.89 -32.73
N HIS A 182 3.31 -26.06 -33.38
CA HIS A 182 4.16 -27.14 -32.85
C HIS A 182 5.45 -27.33 -33.64
N HIS A 183 6.58 -27.37 -32.96
CA HIS A 183 7.86 -27.65 -33.57
C HIS A 183 8.28 -29.11 -33.36
N PRO A 184 8.16 -29.93 -34.42
CA PRO A 184 8.52 -31.35 -34.45
C PRO A 184 10.02 -31.53 -34.38
N ASN A 185 10.48 -32.76 -34.22
CA ASN A 185 11.92 -33.00 -34.08
C ASN A 185 12.65 -33.36 -35.39
N ASN A 186 11.90 -33.82 -36.39
CA ASN A 186 12.47 -34.20 -37.68
C ASN A 186 11.38 -34.41 -38.73
N GLU A 187 11.80 -34.66 -39.98
CA GLU A 187 10.84 -34.76 -41.08
C GLU A 187 9.95 -35.99 -41.01
N ALA A 188 10.49 -37.09 -40.47
CA ALA A 188 9.69 -38.29 -40.33
C ALA A 188 8.52 -37.96 -39.39
N GLU A 189 8.86 -37.51 -38.18
CA GLU A 189 7.85 -37.07 -37.22
C GLU A 189 6.86 -36.06 -37.84
N GLN A 190 7.37 -35.06 -38.55
CA GLN A 190 6.50 -34.14 -39.24
C GLN A 190 5.48 -34.88 -40.13
N LYS A 191 5.96 -35.81 -40.94
CA LYS A 191 5.10 -36.50 -41.90
C LYS A 191 4.10 -37.40 -41.17
N MET A 192 4.57 -38.06 -40.11
CA MET A 192 3.71 -38.94 -39.31
C MET A 192 2.51 -38.22 -38.67
N ILE A 193 2.67 -36.94 -38.36
CA ILE A 193 1.61 -36.24 -37.66
C ILE A 193 0.72 -35.46 -38.60
N TYR A 194 1.33 -34.83 -39.62
CA TYR A 194 0.60 -33.85 -40.41
C TYR A 194 0.59 -34.14 -41.90
N GLN A 195 1.18 -35.27 -42.29
CA GLN A 195 1.38 -35.60 -43.71
C GLN A 195 2.20 -34.53 -44.47
N ASN A 196 1.68 -33.31 -44.54
CA ASN A 196 2.35 -32.21 -45.23
C ASN A 196 3.70 -31.86 -44.61
N LEU A 197 4.70 -31.63 -45.45
CA LEU A 197 6.08 -31.50 -44.98
C LEU A 197 6.58 -30.06 -44.79
N ASN A 198 6.20 -29.13 -45.66
CA ASN A 198 6.64 -27.75 -45.44
C ASN A 198 5.46 -26.83 -45.14
N THR A 199 5.25 -26.51 -43.87
CA THR A 199 3.99 -25.94 -43.43
C THR A 199 4.11 -24.52 -42.91
N TYR A 200 2.96 -23.88 -42.69
CA TYR A 200 2.91 -22.53 -42.17
C TYR A 200 1.63 -22.33 -41.36
N VAL A 201 1.64 -21.37 -40.43
CA VAL A 201 0.39 -20.92 -39.81
C VAL A 201 0.28 -19.42 -40.05
N SER A 202 -0.86 -18.99 -40.59
CA SER A 202 -1.12 -17.57 -40.81
C SER A 202 -2.29 -17.09 -39.98
N VAL A 203 -2.18 -15.87 -39.48
CA VAL A 203 -3.22 -15.28 -38.65
C VAL A 203 -3.33 -13.82 -39.03
N GLY A 204 -4.54 -13.40 -39.40
CA GLY A 204 -4.75 -12.03 -39.76
C GLY A 204 -5.99 -11.46 -39.11
N THR A 205 -5.85 -10.24 -38.61
CA THR A 205 -7.01 -9.44 -38.26
C THR A 205 -6.90 -8.13 -39.03
N SER A 206 -7.53 -7.09 -38.49
CA SER A 206 -7.45 -5.77 -39.10
C SER A 206 -6.10 -5.15 -38.76
N THR A 207 -5.48 -5.60 -37.67
CA THR A 207 -4.14 -5.12 -37.28
C THR A 207 -3.02 -6.16 -37.26
N LEU A 208 -3.34 -7.43 -37.02
CA LEU A 208 -2.32 -8.47 -36.99
C LEU A 208 -2.13 -9.04 -38.37
N ASN A 209 -0.89 -9.28 -38.75
CA ASN A 209 -0.53 -9.92 -40.03
C ASN A 209 0.62 -10.89 -39.75
N GLN A 210 0.33 -12.01 -39.10
CA GLN A 210 1.37 -12.97 -38.70
C GLN A 210 1.54 -14.18 -39.60
N ARG A 211 2.79 -14.57 -39.85
CA ARG A 211 3.10 -15.85 -40.49
C ARG A 211 4.13 -16.63 -39.69
N LEU A 212 3.74 -17.83 -39.26
CA LEU A 212 4.62 -18.69 -38.47
C LEU A 212 5.03 -19.91 -39.29
N VAL A 213 6.19 -20.47 -38.99
CA VAL A 213 6.69 -21.65 -39.69
C VAL A 213 7.37 -22.53 -38.65
N PRO A 214 7.08 -23.84 -38.66
CA PRO A 214 7.75 -24.70 -37.68
C PRO A 214 9.27 -24.65 -37.84
N LYS A 215 9.99 -24.80 -36.74
CA LYS A 215 11.45 -24.86 -36.77
C LYS A 215 11.96 -26.22 -36.29
N ILE A 216 12.30 -27.12 -37.20
CA ILE A 216 13.03 -28.33 -36.82
C ILE A 216 14.40 -27.96 -36.21
N ALA A 217 14.81 -28.73 -35.20
CA ALA A 217 16.15 -28.63 -34.62
C ALA A 217 16.28 -29.73 -33.56
N THR A 218 17.49 -30.14 -33.22
CA THR A 218 17.63 -31.12 -32.16
C THR A 218 17.70 -30.37 -30.81
N ARG A 219 16.81 -30.72 -29.88
CA ARG A 219 16.78 -30.04 -28.58
C ARG A 219 16.92 -31.01 -27.42
N SER A 220 17.43 -30.51 -26.29
CA SER A 220 17.49 -31.29 -25.05
C SER A 220 16.08 -31.66 -24.61
N LYS A 221 15.95 -32.73 -23.82
CA LYS A 221 14.61 -33.12 -23.37
C LYS A 221 14.09 -32.29 -22.18
N VAL A 222 12.80 -31.97 -22.24
CA VAL A 222 12.10 -31.34 -21.13
C VAL A 222 10.81 -32.12 -20.92
N LYS A 223 10.60 -32.62 -19.70
CA LYS A 223 9.52 -33.56 -19.40
C LYS A 223 9.56 -34.75 -20.36
N GLY A 224 10.76 -35.22 -20.66
CA GLY A 224 10.92 -36.31 -21.60
C GLY A 224 10.79 -35.91 -23.05
N LEU A 225 10.20 -34.75 -23.30
CA LEU A 225 9.94 -34.30 -24.67
C LEU A 225 11.02 -33.40 -25.26
N SER A 226 11.14 -33.46 -26.59
CA SER A 226 12.16 -32.72 -27.32
C SER A 226 11.48 -31.79 -28.29
N GLY A 227 10.19 -32.03 -28.52
CA GLY A 227 9.40 -31.14 -29.36
C GLY A 227 9.08 -29.92 -28.53
N ARG A 228 8.47 -28.93 -29.17
CA ARG A 228 8.13 -27.67 -28.49
C ARG A 228 6.87 -27.10 -29.06
N MET A 229 6.18 -26.32 -28.25
CA MET A 229 4.99 -25.62 -28.73
C MET A 229 5.10 -24.13 -28.38
N ASP A 230 4.91 -23.26 -29.36
CA ASP A 230 4.92 -21.82 -29.09
C ASP A 230 3.50 -21.27 -29.12
N PHE A 231 3.13 -20.50 -28.11
CA PHE A 231 1.79 -19.93 -28.06
C PHE A 231 1.74 -18.41 -28.31
N PHE A 232 0.65 -17.94 -28.90
CA PHE A 232 0.45 -16.52 -29.19
C PHE A 232 -0.95 -16.05 -28.79
N TRP A 233 -1.09 -14.76 -28.58
CA TRP A 233 -2.38 -14.17 -28.24
C TRP A 233 -2.58 -12.83 -28.97
N THR A 234 -3.83 -12.48 -29.25
CA THR A 234 -4.16 -11.13 -29.68
C THR A 234 -5.47 -10.68 -29.04
N ILE A 235 -5.71 -9.36 -29.01
CA ILE A 235 -7.03 -8.84 -28.64
C ILE A 235 -7.86 -8.54 -29.89
N LEU A 236 -8.95 -9.27 -30.08
CA LEU A 236 -9.84 -9.00 -31.21
C LEU A 236 -10.94 -8.00 -30.81
N LYS A 237 -11.01 -6.87 -31.50
CA LYS A 237 -11.95 -5.79 -31.10
C LYS A 237 -13.36 -6.09 -31.60
N PRO A 238 -14.37 -5.42 -31.03
CA PRO A 238 -15.73 -5.62 -31.53
C PRO A 238 -15.87 -5.41 -33.04
N ASN A 239 -16.65 -6.28 -33.67
CA ASN A 239 -16.96 -6.20 -35.10
C ASN A 239 -15.78 -6.45 -36.04
N ASP A 240 -14.68 -7.00 -35.50
CA ASP A 240 -13.54 -7.38 -36.31
C ASP A 240 -13.53 -8.90 -36.45
N THR A 241 -12.74 -9.39 -37.38
CA THR A 241 -12.70 -10.80 -37.72
C THR A 241 -11.27 -11.34 -37.70
N ILE A 242 -11.06 -12.45 -37.00
CA ILE A 242 -9.76 -13.13 -37.00
C ILE A 242 -9.77 -14.23 -38.05
N ASN A 243 -8.68 -14.36 -38.81
CA ASN A 243 -8.58 -15.35 -39.89
C ASN A 243 -7.37 -16.26 -39.74
N PHE A 244 -7.58 -17.58 -39.66
CA PHE A 244 -6.48 -18.52 -39.56
C PHE A 244 -6.39 -19.34 -40.85
N ASP A 245 -5.18 -19.48 -41.36
CA ASP A 245 -4.90 -20.40 -42.46
C ASP A 245 -3.78 -21.29 -41.98
N SER A 246 -3.82 -22.57 -42.34
CA SER A 246 -2.74 -23.47 -41.98
C SER A 246 -2.77 -24.72 -42.84
N ASN A 247 -1.61 -25.29 -43.11
CA ASN A 247 -1.57 -26.60 -43.75
C ASN A 247 -0.83 -27.61 -42.88
N GLY A 248 -0.81 -27.34 -41.58
CA GLY A 248 -0.15 -28.23 -40.62
C GLY A 248 0.47 -27.51 -39.45
N ASN A 249 0.59 -28.22 -38.32
CA ASN A 249 1.20 -27.72 -37.08
C ASN A 249 0.38 -26.70 -36.27
N PHE A 250 -0.80 -26.36 -36.78
CA PHE A 250 -1.72 -25.42 -36.14
C PHE A 250 -2.30 -25.98 -34.84
N ILE A 251 -2.08 -25.29 -33.73
CA ILE A 251 -2.79 -25.59 -32.49
C ILE A 251 -3.95 -24.60 -32.39
N ALA A 252 -5.16 -25.01 -32.75
CA ALA A 252 -6.27 -24.07 -32.94
C ALA A 252 -6.93 -23.64 -31.63
N PRO A 253 -7.49 -22.41 -31.60
CA PRO A 253 -8.33 -22.02 -30.47
C PRO A 253 -9.66 -22.77 -30.48
N GLU A 254 -10.16 -23.17 -29.32
CA GLU A 254 -11.53 -23.66 -29.18
C GLU A 254 -12.34 -22.66 -28.36
N TYR A 255 -11.86 -22.34 -27.17
CA TYR A 255 -12.41 -21.27 -26.38
C TYR A 255 -11.62 -19.97 -26.50
N ALA A 256 -12.29 -18.83 -26.28
CA ALA A 256 -11.64 -17.52 -26.19
C ALA A 256 -12.24 -16.77 -25.01
N TYR A 257 -11.63 -15.66 -24.60
CA TYR A 257 -12.09 -14.96 -23.39
C TYR A 257 -12.68 -13.56 -23.65
N LYS A 258 -13.98 -13.41 -23.39
CA LYS A 258 -14.65 -12.11 -23.40
C LYS A 258 -14.24 -11.24 -22.21
N ILE A 259 -13.76 -10.03 -22.47
CA ILE A 259 -13.42 -9.08 -21.41
C ILE A 259 -14.68 -8.30 -21.07
N VAL A 260 -15.36 -8.70 -20.00
CA VAL A 260 -16.65 -8.08 -19.65
C VAL A 260 -16.49 -6.90 -18.70
N LYS A 261 -15.50 -6.96 -17.81
CA LYS A 261 -15.19 -5.80 -16.96
C LYS A 261 -13.70 -5.47 -16.81
N LYS A 262 -13.34 -4.22 -17.11
CA LYS A 262 -12.04 -3.69 -16.72
C LYS A 262 -12.12 -2.91 -15.41
N GLY A 263 -11.11 -3.08 -14.56
CA GLY A 263 -11.01 -2.35 -13.32
C GLY A 263 -9.58 -2.36 -12.85
N ASP A 264 -9.28 -1.74 -11.72
CA ASP A 264 -7.95 -1.93 -11.12
C ASP A 264 -7.87 -3.30 -10.50
N SER A 265 -6.71 -3.91 -10.62
CA SER A 265 -6.47 -5.24 -10.08
C SER A 265 -4.95 -5.41 -9.99
N ALA A 266 -4.51 -6.62 -9.67
CA ALA A 266 -3.10 -6.85 -9.51
C ALA A 266 -2.88 -8.33 -9.62
N ILE A 267 -1.65 -8.71 -9.94
CA ILE A 267 -1.24 -10.09 -9.82
C ILE A 267 -0.18 -10.09 -8.72
N MET A 268 -0.54 -10.63 -7.56
CA MET A 268 0.36 -10.64 -6.42
C MET A 268 1.10 -11.97 -6.28
N LYS A 269 2.35 -11.94 -5.84
CA LYS A 269 3.10 -13.16 -5.65
C LYS A 269 3.08 -13.52 -4.20
N SER A 270 2.54 -14.70 -3.91
CA SER A 270 2.41 -15.15 -2.53
C SER A 270 2.28 -16.66 -2.44
N GLU A 271 2.89 -17.23 -1.40
CA GLU A 271 2.77 -18.66 -1.11
C GLU A 271 1.53 -18.98 -0.26
N LEU A 272 0.90 -17.95 0.29
CA LEU A 272 -0.27 -18.12 1.16
C LEU A 272 -1.45 -18.76 0.44
N GLU A 273 -2.39 -19.31 1.20
CA GLU A 273 -3.68 -19.78 0.67
C GLU A 273 -4.74 -18.75 0.94
N TYR A 274 -5.96 -19.00 0.45
CA TYR A 274 -7.13 -18.20 0.79
C TYR A 274 -7.37 -18.19 2.29
N GLY A 275 -7.76 -17.04 2.82
CA GLY A 275 -7.94 -16.89 4.26
C GLY A 275 -9.39 -16.80 4.74
N ASN A 276 -10.33 -16.75 3.79
CA ASN A 276 -11.76 -16.62 4.11
C ASN A 276 -12.03 -15.50 5.10
N CYS A 277 -11.81 -14.26 4.66
CA CYS A 277 -11.85 -13.06 5.48
C CYS A 277 -12.09 -11.85 4.57
N ASN A 278 -12.27 -10.67 5.14
CA ASN A 278 -12.51 -9.48 4.32
C ASN A 278 -11.67 -8.27 4.71
N THR A 279 -11.32 -7.45 3.71
CA THR A 279 -10.48 -6.28 3.91
C THR A 279 -10.71 -5.21 2.88
N LYS A 280 -10.09 -4.06 3.11
CA LYS A 280 -10.18 -2.91 2.22
C LYS A 280 -8.78 -2.64 1.67
N CYS A 281 -7.79 -3.29 2.27
CA CYS A 281 -6.39 -3.11 1.88
C CYS A 281 -5.58 -4.40 1.98
N GLN A 282 -5.14 -4.93 0.83
CA GLN A 282 -4.43 -6.21 0.80
C GLN A 282 -2.96 -6.10 0.35
N THR A 283 -2.06 -6.80 1.05
CA THR A 283 -0.68 -7.00 0.62
C THR A 283 -0.42 -8.50 0.45
N PRO A 284 0.65 -8.88 -0.29
CA PRO A 284 0.94 -10.29 -0.56
C PRO A 284 1.20 -11.13 0.69
N ILE A 285 1.45 -10.49 1.83
CA ILE A 285 1.73 -11.23 3.05
C ILE A 285 0.64 -11.09 4.11
N GLY A 286 -0.44 -10.36 3.82
CA GLY A 286 -1.47 -10.13 4.81
C GLY A 286 -2.31 -8.87 4.55
N ALA A 287 -3.54 -8.86 5.08
CA ALA A 287 -4.44 -7.72 4.93
C ALA A 287 -4.18 -6.69 6.01
N ILE A 288 -4.64 -5.45 5.78
CA ILE A 288 -4.41 -4.36 6.72
C ILE A 288 -5.73 -3.72 7.14
N ASN A 289 -5.87 -3.53 8.45
CA ASN A 289 -7.04 -2.90 9.02
C ASN A 289 -6.56 -1.75 9.90
N SER A 290 -6.61 -0.52 9.38
CA SER A 290 -5.92 0.59 10.02
C SER A 290 -6.41 1.95 9.55
N SER A 291 -6.24 2.95 10.43
CA SER A 291 -6.56 4.34 10.13
C SER A 291 -5.29 5.16 10.14
N MET A 292 -4.18 4.50 10.49
CA MET A 292 -2.87 5.12 10.42
C MET A 292 -2.64 5.67 9.02
N PRO A 293 -1.90 6.78 8.93
CA PRO A 293 -1.64 7.35 7.61
C PRO A 293 -0.49 6.61 6.93
N PHE A 294 0.34 5.92 7.71
CA PHE A 294 1.48 5.18 7.19
C PHE A 294 1.45 3.71 7.60
N HIS A 295 2.12 2.87 6.83
CA HIS A 295 2.35 1.49 7.25
C HIS A 295 3.69 1.08 6.74
N ASN A 296 4.22 -0.01 7.26
CA ASN A 296 5.53 -0.51 6.86
C ASN A 296 5.55 -2.01 6.56
N ILE A 297 4.42 -2.59 6.16
CA ILE A 297 4.42 -4.05 6.03
C ILE A 297 4.90 -4.61 4.67
N HIS A 298 4.54 -3.94 3.57
CA HIS A 298 4.91 -4.37 2.23
C HIS A 298 4.57 -3.25 1.25
N PRO A 299 5.43 -3.03 0.24
CA PRO A 299 5.22 -1.95 -0.74
C PRO A 299 4.15 -2.24 -1.79
N LEU A 300 3.91 -3.51 -2.11
CA LEU A 300 2.89 -3.82 -3.12
C LEU A 300 1.56 -4.00 -2.43
N THR A 301 0.69 -3.00 -2.47
CA THR A 301 -0.64 -3.16 -1.91
C THR A 301 -1.71 -2.92 -2.95
N ILE A 302 -2.96 -3.28 -2.64
CA ILE A 302 -4.11 -2.92 -3.47
C ILE A 302 -5.26 -2.56 -2.53
N GLY A 303 -6.13 -1.65 -2.98
CA GLY A 303 -7.21 -1.13 -2.14
C GLY A 303 -6.92 0.25 -1.56
N GLU A 304 -7.80 0.72 -0.69
CA GLU A 304 -7.61 1.96 0.04
C GLU A 304 -6.64 1.76 1.19
N CYS A 305 -5.39 2.17 1.00
CA CYS A 305 -4.32 1.86 1.95
C CYS A 305 -3.58 3.08 2.48
N PRO A 306 -2.89 2.92 3.61
CA PRO A 306 -2.00 3.99 4.04
C PRO A 306 -0.76 4.04 3.16
N LYS A 307 0.16 4.94 3.45
CA LYS A 307 1.32 5.10 2.61
C LYS A 307 2.43 4.19 3.10
N TYR A 308 3.06 3.45 2.20
CA TYR A 308 4.16 2.63 2.63
C TYR A 308 5.42 3.45 2.88
N VAL A 309 6.05 3.25 4.04
CA VAL A 309 7.41 3.74 4.30
C VAL A 309 8.24 2.60 4.84
N LYS A 310 9.57 2.73 4.79
CA LYS A 310 10.47 1.66 5.25
C LYS A 310 10.78 1.73 6.75
N SER A 311 10.33 2.82 7.39
CA SER A 311 10.60 3.07 8.81
C SER A 311 10.05 1.99 9.72
N ASN A 312 10.76 1.70 10.80
CA ASN A 312 10.25 0.81 11.82
C ASN A 312 9.52 1.57 12.94
N ARG A 313 9.59 2.91 12.90
CA ARG A 313 8.98 3.73 13.93
C ARG A 313 8.66 5.15 13.48
N LEU A 314 7.43 5.59 13.71
CA LEU A 314 7.03 6.96 13.41
C LEU A 314 5.98 7.47 14.37
N VAL A 315 6.42 8.30 15.32
CA VAL A 315 5.53 8.86 16.32
C VAL A 315 5.77 10.35 16.59
N LEU A 316 4.70 11.13 16.41
CA LEU A 316 4.72 12.57 16.64
C LEU A 316 4.54 12.89 18.12
N ALA A 317 5.33 13.84 18.61
CA ALA A 317 5.04 14.45 19.91
C ALA A 317 3.76 15.26 19.76
N THR A 318 2.84 15.09 20.71
CA THR A 318 1.68 15.99 20.79
C THR A 318 1.77 16.85 22.06
N GLY A 319 2.16 16.22 23.16
CA GLY A 319 2.26 16.87 24.45
C GLY A 319 3.61 17.51 24.69
N LEU A 320 4.07 17.57 25.94
CA LEU A 320 5.33 18.25 26.24
C LEU A 320 6.33 17.38 27.00
N ARG A 321 7.57 17.86 27.16
CA ARG A 321 8.60 17.10 27.87
C ARG A 321 8.11 16.74 29.25
N ASN A 322 8.03 15.44 29.53
CA ASN A 322 7.60 14.93 30.83
C ASN A 322 8.80 14.66 31.72
N ALA A 323 9.07 15.60 32.64
CA ALA A 323 10.13 15.46 33.63
C ALA A 323 9.92 14.25 34.54
N PRO A 324 11.02 13.54 34.87
CA PRO A 324 10.99 12.41 35.82
C PRO A 324 10.35 12.76 37.17
N GLY B 1 15.57 23.17 26.59
CA GLY B 1 14.56 24.19 26.37
C GLY B 1 15.08 25.33 25.52
N LEU B 2 14.33 25.73 24.51
CA LEU B 2 14.78 26.81 23.64
C LEU B 2 14.32 28.15 24.20
N PHE B 3 13.41 28.08 25.18
CA PHE B 3 12.79 29.29 25.74
C PHE B 3 13.03 29.45 27.25
N GLY B 4 13.80 28.55 27.83
CA GLY B 4 14.18 28.65 29.23
C GLY B 4 13.10 28.40 30.26
N ALA B 5 11.84 28.29 29.83
CA ALA B 5 10.74 28.07 30.78
C ALA B 5 10.69 26.63 31.31
N ILE B 6 10.00 25.74 30.60
CA ILE B 6 9.98 24.30 30.94
C ILE B 6 11.40 23.78 31.20
N ALA B 7 11.58 23.09 32.32
CA ALA B 7 12.89 22.61 32.76
C ALA B 7 13.97 23.69 32.63
N GLY B 8 13.60 24.91 32.98
CA GLY B 8 14.54 26.02 33.01
C GLY B 8 14.45 26.77 34.33
N PHE B 9 13.51 27.69 34.43
CA PHE B 9 13.27 28.42 35.68
C PHE B 9 11.96 27.98 36.32
N ILE B 10 11.20 27.16 35.62
CA ILE B 10 10.09 26.47 36.26
C ILE B 10 10.40 24.98 36.25
N GLU B 11 11.57 24.63 36.78
CA GLU B 11 11.99 23.23 36.95
C GLU B 11 10.88 22.39 37.57
N GLY B 12 10.65 21.21 37.00
CA GLY B 12 9.57 20.34 37.44
C GLY B 12 8.20 20.81 36.99
N GLY B 13 7.31 19.85 36.74
CA GLY B 13 5.93 20.14 36.35
C GLY B 13 4.97 19.62 37.39
N TRP B 14 3.67 19.82 37.17
CA TRP B 14 2.67 19.52 38.18
C TRP B 14 1.76 18.32 37.88
N GLN B 15 2.02 17.20 38.57
CA GLN B 15 1.11 16.05 38.54
C GLN B 15 -0.30 16.45 38.95
N GLY B 16 -0.39 17.50 39.77
CA GLY B 16 -1.67 17.98 40.27
C GLY B 16 -2.60 18.49 39.18
N MET B 17 -2.07 19.27 38.25
CA MET B 17 -2.90 19.78 37.15
C MET B 17 -3.31 18.65 36.18
N VAL B 18 -4.58 18.65 35.78
CA VAL B 18 -5.17 17.59 34.97
C VAL B 18 -6.05 18.19 33.88
N ASP B 19 -6.61 19.35 34.20
CA ASP B 19 -7.54 20.03 33.30
C ASP B 19 -6.91 20.50 31.96
N GLY B 20 -5.58 20.53 31.89
CA GLY B 20 -4.90 21.08 30.72
C GLY B 20 -3.38 21.15 30.77
N TRP B 21 -2.80 21.78 29.75
CA TRP B 21 -1.35 21.79 29.52
C TRP B 21 -0.63 22.90 30.30
N TYR B 22 -1.22 24.08 30.29
CA TYR B 22 -0.64 25.24 30.96
C TYR B 22 -1.63 25.82 31.96
N GLY B 23 -1.18 26.12 33.16
CA GLY B 23 -2.05 26.73 34.15
C GLY B 23 -1.38 27.40 35.34
N TYR B 24 -2.13 27.53 36.42
CA TYR B 24 -1.62 28.21 37.61
C TYR B 24 -1.75 27.37 38.86
N HIS B 25 -1.10 27.84 39.92
CA HIS B 25 -1.30 27.34 41.28
C HIS B 25 -1.26 28.56 42.20
N HIS B 26 -2.40 28.89 42.81
CA HIS B 26 -2.42 30.02 43.73
C HIS B 26 -2.24 29.61 45.19
N SER B 27 -2.09 30.62 46.03
CA SER B 27 -2.03 30.43 47.47
C SER B 27 -2.46 31.74 48.12
N ASN B 28 -3.67 31.76 48.66
CA ASN B 28 -4.17 32.95 49.34
C ASN B 28 -4.47 32.67 50.81
N GLU B 29 -5.21 33.57 51.43
CA GLU B 29 -5.62 33.40 52.82
C GLU B 29 -6.77 32.39 52.92
N GLN B 30 -7.55 32.24 51.86
CA GLN B 30 -8.54 31.17 51.77
C GLN B 30 -7.84 29.81 51.72
N GLY B 31 -7.25 29.48 50.57
CA GLY B 31 -6.59 28.19 50.42
C GLY B 31 -5.73 28.01 49.17
N SER B 32 -5.63 26.76 48.72
CA SER B 32 -4.80 26.41 47.58
C SER B 32 -5.60 25.96 46.39
N GLY B 33 -4.91 25.62 45.31
CA GLY B 33 -5.56 25.15 44.10
C GLY B 33 -4.71 25.25 42.85
N TYR B 34 -4.66 24.15 42.11
CA TYR B 34 -4.12 24.16 40.76
C TYR B 34 -5.26 24.56 39.84
N ALA B 35 -4.98 25.47 38.91
CA ALA B 35 -5.98 25.88 37.93
C ALA B 35 -5.37 25.94 36.53
N ALA B 36 -5.96 25.21 35.58
CA ALA B 36 -5.45 25.23 34.22
C ALA B 36 -6.02 26.39 33.44
N ASP B 37 -5.14 27.17 32.82
CA ASP B 37 -5.55 28.18 31.85
C ASP B 37 -6.30 27.42 30.77
N LYS B 38 -7.34 28.03 30.22
CA LYS B 38 -8.10 27.37 29.14
C LYS B 38 -7.76 27.98 27.79
N GLU B 39 -7.74 29.31 27.74
CA GLU B 39 -7.52 30.05 26.51
C GLU B 39 -6.17 29.72 25.86
N SER B 40 -5.16 29.48 26.68
CA SER B 40 -3.83 29.15 26.18
C SER B 40 -3.73 27.66 25.83
N THR B 41 -4.26 26.82 26.71
CA THR B 41 -4.21 25.38 26.47
C THR B 41 -5.01 25.02 25.22
N GLN B 42 -6.11 25.72 24.97
CA GLN B 42 -6.92 25.42 23.79
C GLN B 42 -6.23 25.80 22.48
N LYS B 43 -5.62 26.98 22.44
CA LYS B 43 -4.91 27.41 21.24
C LYS B 43 -3.65 26.57 21.00
N ALA B 44 -3.27 25.78 22.00
CA ALA B 44 -2.19 24.82 21.80
C ALA B 44 -2.77 23.47 21.36
N ILE B 45 -4.05 23.23 21.62
CA ILE B 45 -4.67 22.03 21.08
C ILE B 45 -4.97 22.28 19.61
N ASP B 46 -5.53 23.44 19.30
CA ASP B 46 -5.87 23.78 17.92
C ASP B 46 -4.65 23.78 17.03
N GLY B 47 -3.52 24.21 17.58
CA GLY B 47 -2.26 24.24 16.84
C GLY B 47 -1.73 22.84 16.55
N ILE B 48 -1.42 22.10 17.61
CA ILE B 48 -0.88 20.75 17.48
C ILE B 48 -1.80 19.88 16.62
N THR B 49 -3.11 20.09 16.73
CA THR B 49 -4.06 19.32 15.92
C THR B 49 -3.99 19.67 14.43
N ASN B 50 -3.92 20.95 14.10
CA ASN B 50 -3.77 21.37 12.71
C ASN B 50 -2.45 20.88 12.14
N LYS B 51 -1.49 20.61 13.01
CA LYS B 51 -0.18 20.13 12.60
C LYS B 51 -0.26 18.71 12.09
N ILE B 52 -0.90 17.84 12.88
CA ILE B 52 -1.03 16.43 12.56
C ILE B 52 -1.78 16.24 11.24
N ASN B 53 -2.85 17.01 11.07
CA ASN B 53 -3.66 16.90 9.85
C ASN B 53 -2.95 17.42 8.61
N SER B 54 -2.04 18.37 8.78
CA SER B 54 -1.37 18.89 7.60
C SER B 54 -0.17 18.02 7.24
N ILE B 55 0.44 17.39 8.25
CA ILE B 55 1.49 16.40 8.02
C ILE B 55 0.92 15.24 7.19
N ILE B 56 -0.27 14.78 7.59
CA ILE B 56 -0.99 13.73 6.90
C ILE B 56 -1.44 14.12 5.48
N ASP B 57 -1.98 15.32 5.32
CA ASP B 57 -2.47 15.78 4.02
C ASP B 57 -1.38 15.95 2.97
N LYS B 58 -0.23 16.46 3.37
CA LYS B 58 0.88 16.61 2.45
C LYS B 58 1.49 15.25 2.11
N MET B 59 0.98 14.19 2.75
CA MET B 59 1.42 12.83 2.50
C MET B 59 0.36 11.99 1.77
N ASN B 60 -0.85 12.55 1.62
CA ASN B 60 -1.96 11.84 0.97
C ASN B 60 -1.66 11.46 -0.50
N THR B 61 -0.85 12.27 -1.18
CA THR B 61 -0.38 11.89 -2.49
C THR B 61 1.14 11.71 -2.49
N GLN B 62 1.57 10.45 -2.67
CA GLN B 62 2.98 10.10 -2.82
C GLN B 62 3.08 8.79 -3.62
N PHE B 63 4.29 8.31 -3.85
CA PHE B 63 4.53 7.20 -4.79
C PHE B 63 3.93 5.85 -4.37
N GLU B 64 3.30 5.17 -5.32
CA GLU B 64 2.75 3.84 -5.08
C GLU B 64 3.36 2.79 -6.02
N ALA B 65 3.83 1.68 -5.46
CA ALA B 65 4.46 0.64 -6.25
C ALA B 65 3.44 -0.29 -6.89
N VAL B 66 3.81 -0.86 -8.04
CA VAL B 66 2.99 -1.85 -8.72
C VAL B 66 3.91 -2.93 -9.29
N GLY B 67 3.53 -4.19 -9.14
CA GLY B 67 4.34 -5.29 -9.62
C GLY B 67 4.37 -5.41 -11.14
N ARG B 68 5.56 -5.59 -11.69
CA ARG B 68 5.74 -5.77 -13.14
C ARG B 68 6.53 -7.05 -13.37
N GLU B 69 6.37 -7.67 -14.53
CA GLU B 69 7.15 -8.85 -14.86
C GLU B 69 8.07 -8.54 -16.03
N PHE B 70 9.28 -9.11 -16.01
CA PHE B 70 10.22 -9.00 -17.10
C PHE B 70 10.85 -10.36 -17.36
N ASN B 71 11.10 -10.66 -18.63
CA ASN B 71 11.69 -11.96 -18.97
C ASN B 71 13.20 -11.90 -18.82
N ASN B 72 13.87 -12.98 -19.19
CA ASN B 72 15.29 -13.11 -18.91
C ASN B 72 16.23 -12.33 -19.86
N LEU B 73 15.71 -11.84 -20.97
CA LEU B 73 16.48 -10.90 -21.79
C LEU B 73 16.02 -9.45 -21.60
N GLU B 74 15.37 -9.19 -20.48
CA GLU B 74 15.00 -7.84 -20.13
C GLU B 74 15.55 -7.45 -18.75
N ARG B 75 16.79 -7.89 -18.46
CA ARG B 75 17.45 -7.55 -17.20
C ARG B 75 17.72 -6.06 -17.03
N ARG B 76 17.96 -5.35 -18.13
CA ARG B 76 18.28 -3.95 -18.03
C ARG B 76 17.06 -3.17 -17.58
N ILE B 77 15.93 -3.36 -18.26
CA ILE B 77 14.75 -2.57 -17.88
C ILE B 77 14.26 -2.99 -16.51
N GLU B 78 14.31 -4.30 -16.22
CA GLU B 78 13.98 -4.84 -14.90
C GLU B 78 14.74 -4.10 -13.80
N ASN B 79 16.04 -3.96 -13.97
CA ASN B 79 16.87 -3.25 -13.00
C ASN B 79 16.50 -1.78 -12.88
N LEU B 80 16.33 -1.12 -14.03
CA LEU B 80 15.83 0.26 -14.06
C LEU B 80 14.52 0.39 -13.25
N ASN B 81 13.59 -0.53 -13.49
CA ASN B 81 12.37 -0.63 -12.70
C ASN B 81 12.58 -0.84 -11.19
N LYS B 82 13.54 -1.68 -10.81
CA LYS B 82 13.84 -1.91 -9.40
C LYS B 82 14.43 -0.64 -8.78
N LYS B 83 15.35 -0.02 -9.48
CA LYS B 83 15.96 1.20 -8.99
C LYS B 83 14.91 2.31 -8.81
N MET B 84 13.99 2.42 -9.75
CA MET B 84 13.06 3.53 -9.72
C MET B 84 12.12 3.41 -8.52
N GLU B 85 11.72 2.18 -8.22
CA GLU B 85 10.77 1.94 -7.16
C GLU B 85 11.40 2.01 -5.77
N ASP B 86 12.56 1.37 -5.58
CA ASP B 86 13.38 1.64 -4.38
C ASP B 86 13.69 3.13 -4.21
N GLY B 87 13.88 3.83 -5.32
CA GLY B 87 14.26 5.22 -5.26
C GLY B 87 13.19 6.05 -4.63
N PHE B 88 11.97 5.93 -5.14
CA PHE B 88 10.87 6.70 -4.57
C PHE B 88 10.53 6.28 -3.15
N LEU B 89 10.62 4.99 -2.85
CA LEU B 89 10.35 4.51 -1.50
C LEU B 89 11.35 5.11 -0.50
N ASP B 90 12.62 5.22 -0.92
CA ASP B 90 13.65 5.79 -0.07
C ASP B 90 13.44 7.29 0.12
N VAL B 91 12.96 7.93 -0.93
CA VAL B 91 12.71 9.36 -0.92
C VAL B 91 11.57 9.75 0.04
N TRP B 92 10.46 9.01 0.00
CA TRP B 92 9.35 9.25 0.91
C TRP B 92 9.57 8.74 2.35
N THR B 93 10.51 7.83 2.52
CA THR B 93 10.89 7.37 3.84
C THR B 93 11.77 8.44 4.47
N TYR B 94 12.67 9.01 3.68
CA TYR B 94 13.44 10.15 4.14
C TYR B 94 12.49 11.29 4.50
N ASN B 95 11.60 11.63 3.57
CA ASN B 95 10.65 12.72 3.77
C ASN B 95 9.80 12.65 5.04
N ALA B 96 9.29 11.47 5.38
CA ALA B 96 8.44 11.33 6.55
C ALA B 96 9.26 11.28 7.85
N GLU B 97 10.37 10.54 7.84
CA GLU B 97 11.19 10.49 9.03
C GLU B 97 11.74 11.86 9.40
N LEU B 98 12.06 12.66 8.39
CA LEU B 98 12.64 13.98 8.62
C LEU B 98 11.56 14.96 9.03
N LEU B 99 10.40 14.89 8.40
CA LEU B 99 9.30 15.79 8.75
C LEU B 99 8.95 15.63 10.25
N VAL B 100 8.82 14.39 10.70
CA VAL B 100 8.51 14.09 12.08
C VAL B 100 9.56 14.61 13.10
N LEU B 101 10.82 14.29 12.88
CA LEU B 101 11.94 14.86 13.61
C LEU B 101 11.91 16.40 13.69
N MET B 102 11.74 17.06 12.54
CA MET B 102 11.75 18.52 12.48
C MET B 102 10.55 19.15 13.19
N GLU B 103 9.38 18.52 13.09
CA GLU B 103 8.20 19.08 13.71
C GLU B 103 8.10 18.67 15.18
N ASN B 104 8.64 17.51 15.52
CA ASN B 104 8.67 17.07 16.90
C ASN B 104 9.36 18.12 17.75
N GLU B 105 10.55 18.50 17.32
CA GLU B 105 11.33 19.55 17.96
C GLU B 105 10.55 20.87 18.03
N ARG B 106 9.93 21.26 16.93
CA ARG B 106 9.17 22.50 16.94
C ARG B 106 7.98 22.43 17.90
N THR B 107 7.40 21.25 18.05
CA THR B 107 6.28 21.04 18.95
C THR B 107 6.70 21.24 20.41
N LEU B 108 7.84 20.68 20.81
CA LEU B 108 8.31 20.83 22.19
C LEU B 108 8.61 22.30 22.54
N ASP B 109 9.29 22.99 21.63
CA ASP B 109 9.64 24.38 21.82
C ASP B 109 8.41 25.26 21.79
N PHE B 110 7.40 24.83 21.04
CA PHE B 110 6.11 25.51 21.00
C PHE B 110 5.49 25.51 22.39
N HIS B 111 5.66 24.42 23.12
CA HIS B 111 5.11 24.32 24.45
C HIS B 111 5.89 25.26 25.36
N ASP B 112 7.21 25.15 25.29
CA ASP B 112 8.11 26.00 26.04
C ASP B 112 7.78 27.49 25.79
N SER B 113 7.53 27.88 24.54
CA SER B 113 7.11 29.25 24.27
C SER B 113 5.73 29.61 24.88
N ASN B 114 4.80 28.65 24.90
CA ASN B 114 3.49 28.89 25.48
C ASN B 114 3.54 29.11 27.01
N VAL B 115 4.45 28.42 27.70
CA VAL B 115 4.60 28.54 29.14
C VAL B 115 5.21 29.90 29.49
N LYS B 116 6.26 30.27 28.77
CA LYS B 116 6.91 31.55 28.97
C LYS B 116 5.99 32.71 28.59
N ASN B 117 5.13 32.52 27.60
CA ASN B 117 4.19 33.58 27.21
C ASN B 117 3.08 33.79 28.25
N LEU B 118 2.77 32.74 29.00
CA LEU B 118 1.76 32.80 30.06
C LEU B 118 2.35 33.48 31.28
N TYR B 119 3.55 33.06 31.67
CA TYR B 119 4.26 33.65 32.79
C TYR B 119 4.41 35.15 32.58
N GLU B 120 4.95 35.53 31.44
CA GLU B 120 5.19 36.94 31.14
C GLU B 120 3.89 37.75 31.17
N LYS B 121 2.78 37.14 30.79
CA LYS B 121 1.48 37.83 30.76
C LYS B 121 1.05 38.22 32.16
N VAL B 122 1.31 37.32 33.11
CA VAL B 122 1.03 37.57 34.51
C VAL B 122 1.98 38.63 35.05
N ARG B 123 3.27 38.40 34.86
CA ARG B 123 4.30 39.33 35.31
C ARG B 123 4.05 40.77 34.85
N LEU B 124 3.72 40.94 33.58
CA LEU B 124 3.54 42.29 33.03
C LEU B 124 2.33 43.03 33.61
N GLN B 125 1.38 42.29 34.17
CA GLN B 125 0.23 42.88 34.84
C GLN B 125 0.58 43.34 36.27
N LEU B 126 0.99 42.39 37.10
CA LEU B 126 1.31 42.64 38.50
C LEU B 126 2.35 43.72 38.73
N ARG B 127 3.45 43.66 38.00
CA ARG B 127 4.54 44.63 38.15
C ARG B 127 5.04 44.74 39.59
N ASP B 128 5.05 45.96 40.13
CA ASP B 128 5.60 46.23 41.46
C ASP B 128 4.69 45.78 42.62
N ASN B 129 3.43 45.48 42.34
CA ASN B 129 2.51 44.98 43.35
C ASN B 129 2.80 43.56 43.83
N ALA B 130 3.88 42.97 43.31
CA ALA B 130 4.33 41.64 43.74
C ALA B 130 5.80 41.40 43.39
N LYS B 131 6.32 40.27 43.85
CA LYS B 131 7.74 39.95 43.71
C LYS B 131 7.92 38.66 42.92
N GLU B 132 8.83 38.66 41.94
CA GLU B 132 9.14 37.42 41.23
C GLU B 132 10.26 36.63 41.91
N LEU B 133 9.89 35.50 42.48
CA LEU B 133 10.80 34.66 43.23
C LEU B 133 11.80 33.92 42.34
N GLY B 134 11.47 33.82 41.04
CA GLY B 134 12.34 33.20 40.06
C GLY B 134 12.11 31.70 39.91
N ASN B 135 10.88 31.27 40.15
CA ASN B 135 10.56 29.86 40.20
C ASN B 135 9.25 29.62 39.47
N GLY B 136 8.80 30.63 38.75
CA GLY B 136 7.52 30.56 38.08
C GLY B 136 6.42 31.02 39.00
N CYS B 137 6.80 31.77 40.03
CA CYS B 137 5.86 32.17 41.06
C CYS B 137 6.03 33.60 41.55
N PHE B 138 4.92 34.23 41.90
CA PHE B 138 4.93 35.59 42.41
C PHE B 138 4.40 35.68 43.84
N GLU B 139 5.16 36.34 44.72
CA GLU B 139 4.70 36.71 46.05
C GLU B 139 4.01 38.07 46.04
N PHE B 140 2.71 38.07 46.31
CA PHE B 140 1.91 39.29 46.38
C PHE B 140 2.31 40.18 47.57
N TYR B 141 2.65 41.44 47.29
CA TYR B 141 2.91 42.40 48.36
C TYR B 141 1.60 42.69 49.07
N HIS B 142 0.58 43.04 48.28
CA HIS B 142 -0.76 43.23 48.82
C HIS B 142 -1.45 41.89 48.98
N LYS B 143 -2.74 41.93 49.33
CA LYS B 143 -3.47 40.70 49.58
C LYS B 143 -4.39 40.34 48.42
N CYS B 144 -4.21 39.10 47.94
CA CYS B 144 -4.95 38.57 46.80
C CYS B 144 -5.72 37.33 47.27
N ASP B 145 -6.88 37.10 46.67
CA ASP B 145 -7.73 36.00 47.09
C ASP B 145 -8.69 35.52 46.00
N ASN B 146 -9.50 34.52 46.34
CA ASN B 146 -10.32 33.78 45.37
C ASN B 146 -11.26 34.56 44.43
N GLU B 147 -10.96 35.83 44.17
CA GLU B 147 -11.59 36.59 43.09
C GLU B 147 -10.58 37.58 42.52
N CYS B 148 -9.54 37.83 43.32
CA CYS B 148 -8.36 38.54 42.85
C CYS B 148 -7.55 37.60 41.96
N MET B 149 -7.72 36.29 42.17
CA MET B 149 -7.15 35.27 41.30
C MET B 149 -7.76 35.34 39.90
N GLU B 150 -9.09 35.32 39.81
CA GLU B 150 -9.79 35.31 38.52
C GLU B 150 -9.70 36.65 37.79
N SER B 151 -8.76 37.51 38.22
CA SER B 151 -8.62 38.85 37.65
C SER B 151 -7.33 38.92 36.84
N VAL B 152 -6.26 38.36 37.39
CA VAL B 152 -4.98 38.29 36.68
C VAL B 152 -5.13 37.35 35.49
N LYS B 153 -5.90 36.28 35.71
CA LYS B 153 -6.12 35.24 34.71
C LYS B 153 -6.82 35.75 33.46
N ASN B 154 -8.06 36.20 33.59
CA ASN B 154 -8.79 36.72 32.43
C ASN B 154 -8.31 38.09 31.95
N GLY B 155 -7.20 38.56 32.52
CA GLY B 155 -6.62 39.83 32.12
C GLY B 155 -7.34 41.03 32.70
N THR B 156 -8.52 40.77 33.26
CA THR B 156 -9.33 41.81 33.88
C THR B 156 -8.77 42.13 35.26
N TYR B 157 -7.70 42.92 35.29
CA TYR B 157 -7.01 43.17 36.55
C TYR B 157 -6.84 44.66 36.83
N ASP B 158 -7.74 45.21 37.64
CA ASP B 158 -7.67 46.61 38.01
C ASP B 158 -6.44 46.88 38.88
N TYR B 159 -5.36 47.33 38.22
CA TYR B 159 -4.11 47.64 38.91
C TYR B 159 -4.18 48.77 39.95
N PRO B 160 -4.85 49.89 39.64
CA PRO B 160 -4.87 50.96 40.66
C PRO B 160 -5.63 50.59 41.93
N GLN B 161 -6.56 49.65 41.81
CA GLN B 161 -7.39 49.17 42.93
C GLN B 161 -6.57 48.57 44.07
N TYR B 162 -5.35 48.13 43.76
CA TYR B 162 -4.48 47.51 44.75
C TYR B 162 -3.12 48.22 44.77
N SER B 163 -2.97 49.22 43.90
CA SER B 163 -1.68 49.87 43.67
C SER B 163 -1.02 50.50 44.91
N GLU B 164 -1.83 51.17 45.73
CA GLU B 164 -1.34 51.93 46.86
C GLU B 164 -0.93 51.06 48.06
N GLU B 165 -1.80 50.11 48.41
CA GLU B 165 -1.54 49.18 49.53
C GLU B 165 -0.16 48.51 49.43
N ALA B 166 0.17 48.05 48.24
CA ALA B 166 1.43 47.35 47.99
C ALA B 166 2.64 48.25 48.20
N ARG B 167 2.52 49.51 47.79
CA ARG B 167 3.62 50.47 47.84
C ARG B 167 4.13 50.69 49.27
N LEU B 168 3.22 50.70 50.23
CA LEU B 168 3.59 50.84 51.63
C LEU B 168 4.27 49.57 52.18
N ASN B 169 3.63 48.41 51.93
CA ASN B 169 4.19 47.13 52.36
C ASN B 169 5.59 46.92 51.80
N ARG B 170 5.78 47.38 50.56
CA ARG B 170 7.06 47.29 49.85
C ARG B 170 8.15 48.12 50.55
N GLU B 171 7.82 49.37 50.86
CA GLU B 171 8.78 50.29 51.49
C GLU B 171 8.93 50.11 53.01
N GLU B 172 7.98 49.42 53.64
CA GLU B 172 8.03 49.15 55.08
C GLU B 172 9.29 48.35 55.44
N ILE B 173 9.69 47.45 54.54
CA ILE B 173 10.89 46.61 54.70
C ILE B 173 12.17 47.47 54.67
N SER B 174 12.23 48.43 53.76
CA SER B 174 13.38 49.35 53.65
C SER B 174 13.55 50.27 54.88
N GLY B 175 12.66 51.25 55.04
CA GLY B 175 12.71 52.15 56.18
C GLY B 175 12.50 51.47 57.53
C1 NAG C . 15.98 4.55 22.48
C2 NAG C . 17.37 3.94 22.64
C3 NAG C . 17.43 2.55 22.00
C4 NAG C . 16.30 1.68 22.54
C5 NAG C . 14.95 2.39 22.42
C6 NAG C . 13.83 1.64 23.08
C7 NAG C . 19.67 4.83 22.42
C8 NAG C . 20.55 5.82 21.72
N2 NAG C . 18.37 4.82 22.05
O3 NAG C . 18.69 1.94 22.27
O4 NAG C . 16.25 0.45 21.81
O5 NAG C . 15.03 3.68 23.07
O6 NAG C . 14.13 1.33 24.43
O7 NAG C . 20.10 4.07 23.28
C1 NAG D . -15.58 -16.50 -42.99
C2 NAG D . -15.84 -15.26 -43.86
C3 NAG D . -17.02 -15.52 -44.81
C4 NAG D . -16.75 -16.77 -45.63
C5 NAG D . -16.50 -17.96 -44.71
C6 NAG D . -16.17 -19.23 -45.45
C7 NAG D . -15.41 -12.94 -43.21
C8 NAG D . -15.81 -11.80 -42.30
N2 NAG D . -16.09 -14.07 -43.06
O3 NAG D . -17.20 -14.40 -45.65
O4 NAG D . -17.86 -17.05 -46.48
O5 NAG D . -15.39 -17.67 -43.83
O6 NAG D . -15.23 -20.04 -44.76
O7 NAG D . -14.49 -12.83 -44.02
C1 NAG E . -10.79 -3.40 11.92
C2 NAG E . -11.71 -4.61 12.10
C3 NAG E . -12.96 -4.22 12.89
C4 NAG E . -12.56 -3.51 14.19
C5 NAG E . -11.65 -2.34 13.88
C6 NAG E . -11.13 -1.64 15.12
C7 NAG E . -11.95 -6.51 10.57
C8 NAG E . -12.36 -6.95 9.19
N2 NAG E . -12.08 -5.21 10.83
O3 NAG E . -13.72 -5.38 13.17
O4 NAG E . -13.73 -3.02 14.86
O5 NAG E . -10.48 -2.81 13.17
O6 NAG E . -10.81 -0.28 14.84
O7 NAG E . -11.50 -7.32 11.39
#